data_3RTA
#
_entry.id   3RTA
#
_cell.length_a   122.507
_cell.length_b   122.507
_cell.length_c   154.904
_cell.angle_alpha   90.000
_cell.angle_beta   90.000
_cell.angle_gamma   90.000
#
_symmetry.space_group_name_H-M   'I 4 2 2'
#
loop_
_entity.id
_entity.type
_entity.pdbx_description
1 polymer 'Putative uncharacterized protein'
2 polymer 'Unknown peptide, probably from expression host'
3 non-polymer 'POTASSIUM ION'
4 non-polymer 'ACETYL COENZYME *A'
5 water water
#
loop_
_entity_poly.entity_id
_entity_poly.type
_entity_poly.pdbx_seq_one_letter_code
_entity_poly.pdbx_strand_id
1 'polypeptide(L)'
;MGSDKIHHHHHHMKEIDELTIKEYGVDSRILMERAGISVVLAMEEELGNLSDYRFLVLCGGGNNGGDGFVVARNLLGVVK
DVLVVFLGKKKTPDCEYNYGLYKKFGGKVVEQFEPSILNEFDVVVDAIFGTGLRGEITGEYAEIINLVNKSGKVVVSVDV
PSGIDSNTGKVLRTAVKADLTVTFGVPKIGHILFPGRDLTGKLKVANIGHPVHLINSINRYVITREMVRSLLPERPRDSH
KGTYGKVLIIAGSRLYSGAPVLSGMGSLKVGTGLVKLAVPFPQNLIATSRFPELISVPIDTEKGFFSLQNLQECLELSKD
VDVVAIGPGLGNNEHVREFVNEFLKTLEKPAVIDADAINVLDTSVLKERKSPAVLTPHPGEMARLVKKTVGDVKYNYELA
EEFAKENDCVLVLKSATTIVTDGEKTLFNITGNTGLSKGGSGDVLTGMIAGFIAQGLSPLEASTVSVYLHGFAAELFEQD
ERGLTASELLRLIPEAIRRLKE
;
A
2 'polypeptide(L)' AAWLFEA B
#
# COMPACT_ATOMS: atom_id res chain seq x y z
N MET A 13 -6.66 -4.99 16.31
CA MET A 13 -7.06 -6.41 16.54
C MET A 13 -6.95 -6.84 18.01
N LYS A 14 -6.14 -6.13 18.77
CA LYS A 14 -6.07 -6.37 20.21
C LYS A 14 -7.51 -6.29 20.77
N GLU A 15 -8.25 -5.28 20.33
CA GLU A 15 -9.63 -5.07 20.77
C GLU A 15 -10.58 -6.08 20.13
N ILE A 16 -10.23 -6.59 18.95
CA ILE A 16 -11.05 -7.59 18.28
C ILE A 16 -10.98 -8.91 19.03
N ASP A 17 -9.80 -9.35 19.42
CA ASP A 17 -9.68 -10.52 20.30
C ASP A 17 -10.54 -10.32 21.56
N GLU A 18 -10.38 -9.16 22.22
CA GLU A 18 -11.04 -8.91 23.51
C GLU A 18 -12.55 -8.95 23.42
N LEU A 19 -13.10 -8.29 22.40
CA LEU A 19 -14.54 -8.24 22.24
C LEU A 19 -15.07 -9.64 21.91
N THR A 20 -14.31 -10.39 21.10
CA THR A 20 -14.76 -11.72 20.67
C THR A 20 -14.86 -12.62 21.91
N ILE A 21 -13.90 -12.47 22.83
CA ILE A 21 -13.91 -13.22 24.09
C ILE A 21 -14.97 -12.66 25.08
N LYS A 22 -14.87 -11.36 25.37
CA LYS A 22 -15.65 -10.79 26.44
C LYS A 22 -17.11 -10.51 26.11
N GLU A 23 -17.40 -10.11 24.88
CA GLU A 23 -18.77 -9.79 24.51
C GLU A 23 -19.45 -10.95 23.81
N TYR A 24 -18.75 -11.62 22.92
CA TYR A 24 -19.35 -12.73 22.18
C TYR A 24 -19.23 -14.06 22.91
N GLY A 25 -18.30 -14.19 23.83
CA GLY A 25 -18.24 -15.40 24.66
C GLY A 25 -17.39 -16.52 24.13
N VAL A 26 -16.58 -16.26 23.10
CA VAL A 26 -15.66 -17.31 22.57
C VAL A 26 -14.51 -17.47 23.57
N ASP A 27 -14.31 -18.67 24.08
CA ASP A 27 -13.17 -18.94 25.00
C ASP A 27 -11.85 -18.57 24.30
N SER A 28 -10.97 -17.89 25.06
CA SER A 28 -9.65 -17.49 24.54
C SER A 28 -8.85 -18.72 24.00
N ARG A 29 -9.03 -19.86 24.65
CA ARG A 29 -8.33 -21.07 24.25
C ARG A 29 -8.77 -21.57 22.86
N ILE A 30 -10.01 -21.32 22.49
CA ILE A 30 -10.54 -21.66 21.16
C ILE A 30 -9.88 -20.82 20.06
N LEU A 31 -9.78 -19.51 20.30
CA LEU A 31 -9.12 -18.59 19.39
C LEU A 31 -7.67 -19.03 19.21
N MET A 32 -7.00 -19.34 20.32
CA MET A 32 -5.58 -19.73 20.25
C MET A 32 -5.40 -21.08 19.49
N GLU A 33 -6.26 -22.04 19.76
CA GLU A 33 -6.19 -23.30 19.01
C GLU A 33 -6.40 -23.08 17.53
N ARG A 34 -7.43 -22.31 17.15
CA ARG A 34 -7.69 -22.02 15.73
C ARG A 34 -6.48 -21.30 15.10
N ALA A 35 -5.84 -20.37 15.86
CA ALA A 35 -4.64 -19.71 15.36
C ALA A 35 -3.55 -20.70 15.03
N GLY A 36 -3.23 -21.57 15.97
CA GLY A 36 -2.17 -22.56 15.73
C GLY A 36 -2.45 -23.54 14.62
N ILE A 37 -3.66 -24.08 14.58
CA ILE A 37 -3.95 -25.02 13.50
C ILE A 37 -3.92 -24.33 12.13
N SER A 38 -4.22 -23.02 12.07
CA SER A 38 -4.14 -22.26 10.81
C SER A 38 -2.71 -22.21 10.33
N VAL A 39 -1.78 -22.05 11.26
CA VAL A 39 -0.34 -22.04 10.90
C VAL A 39 0.06 -23.38 10.30
N VAL A 40 -0.41 -24.47 10.92
CA VAL A 40 -0.08 -25.81 10.41
C VAL A 40 -0.61 -26.00 8.99
N LEU A 41 -1.88 -25.64 8.78
CA LEU A 41 -2.50 -25.80 7.44
C LEU A 41 -1.80 -24.91 6.40
N ALA A 42 -1.37 -23.73 6.82
CA ALA A 42 -0.73 -22.80 5.91
C ALA A 42 0.65 -23.39 5.49
N MET A 43 1.34 -24.01 6.44
CA MET A 43 2.65 -24.62 6.15
C MET A 43 2.53 -25.78 5.18
N GLU A 44 1.49 -26.58 5.37
CA GLU A 44 1.24 -27.70 4.50
C GLU A 44 0.95 -27.22 3.05
N GLU A 45 0.17 -26.17 2.93
CA GLU A 45 -0.13 -25.52 1.66
C GLU A 45 1.13 -25.05 0.94
N GLU A 46 2.14 -24.61 1.68
CA GLU A 46 3.36 -24.12 1.09
C GLU A 46 4.43 -25.19 1.01
N LEU A 47 4.47 -26.13 1.94
CA LEU A 47 5.57 -27.09 1.96
C LEU A 47 5.17 -28.45 1.42
N GLY A 48 3.88 -28.67 1.20
CA GLY A 48 3.40 -29.99 0.91
C GLY A 48 3.38 -30.80 2.21
N ASN A 49 3.40 -32.11 2.05
CA ASN A 49 3.41 -33.01 3.17
C ASN A 49 4.50 -32.65 4.17
N LEU A 50 4.12 -32.53 5.44
CA LEU A 50 5.00 -32.06 6.49
C LEU A 50 5.77 -33.21 7.15
N SER A 51 5.44 -34.44 6.82
CA SER A 51 5.91 -35.53 7.63
C SER A 51 7.44 -35.73 7.57
N ASP A 52 8.11 -35.27 6.52
CA ASP A 52 9.56 -35.44 6.41
C ASP A 52 10.37 -34.32 7.08
N TYR A 53 9.72 -33.24 7.54
CA TYR A 53 10.45 -32.09 8.06
C TYR A 53 10.65 -32.10 9.60
N ARG A 54 11.72 -31.46 10.03
CA ARG A 54 12.02 -31.32 11.43
C ARG A 54 11.78 -29.85 11.77
N PHE A 55 10.96 -29.60 12.78
CA PHE A 55 10.56 -28.25 13.19
C PHE A 55 11.15 -27.76 14.51
N LEU A 56 11.73 -26.56 14.46
CA LEU A 56 12.15 -25.81 15.65
C LEU A 56 11.19 -24.66 15.90
N VAL A 57 10.54 -24.69 17.05
CA VAL A 57 9.49 -23.69 17.33
C VAL A 57 9.99 -22.79 18.45
N LEU A 58 10.14 -21.52 18.13
CA LEU A 58 10.66 -20.54 19.07
C LEU A 58 9.50 -19.80 19.70
N CYS A 59 9.29 -20.00 21.01
CA CYS A 59 8.15 -19.46 21.70
C CYS A 59 8.51 -18.44 22.75
N GLY A 60 7.85 -17.29 22.68
CA GLY A 60 7.92 -16.28 23.72
C GLY A 60 6.94 -16.62 24.82
N GLY A 61 6.93 -15.78 25.83
CA GLY A 61 6.03 -15.97 26.97
C GLY A 61 4.64 -15.40 26.80
N GLY A 62 4.38 -14.70 25.69
CA GLY A 62 3.08 -14.09 25.46
C GLY A 62 2.13 -14.98 24.72
N ASN A 63 1.05 -14.42 24.22
CA ASN A 63 0.07 -15.18 23.51
C ASN A 63 0.58 -15.62 22.13
N ASN A 64 1.55 -14.90 21.54
CA ASN A 64 2.18 -15.38 20.33
C ASN A 64 2.90 -16.73 20.60
N GLY A 65 3.63 -16.80 21.71
CA GLY A 65 4.31 -18.04 22.05
C GLY A 65 3.29 -19.12 22.33
N GLY A 66 2.16 -18.74 22.97
CA GLY A 66 1.02 -19.66 23.17
C GLY A 66 0.53 -20.28 21.85
N ASP A 67 0.33 -19.43 20.84
CA ASP A 67 0.03 -19.92 19.48
C ASP A 67 1.11 -20.94 19.00
N GLY A 68 2.37 -20.61 19.28
CA GLY A 68 3.50 -21.48 18.95
C GLY A 68 3.41 -22.84 19.61
N PHE A 69 3.06 -22.88 20.89
CA PHE A 69 2.81 -24.15 21.54
C PHE A 69 1.70 -24.96 20.89
N VAL A 70 0.68 -24.31 20.37
CA VAL A 70 -0.39 -25.02 19.69
C VAL A 70 0.15 -25.63 18.42
N VAL A 71 0.94 -24.85 17.66
CA VAL A 71 1.59 -25.35 16.45
C VAL A 71 2.41 -26.61 16.79
N ALA A 72 3.27 -26.50 17.78
CA ALA A 72 4.18 -27.57 18.15
C ALA A 72 3.43 -28.82 18.56
N ARG A 73 2.42 -28.65 19.38
CA ARG A 73 1.64 -29.78 19.83
C ARG A 73 0.94 -30.50 18.68
N ASN A 74 0.37 -29.75 17.75
CA ASN A 74 -0.29 -30.32 16.58
C ASN A 74 0.63 -31.02 15.55
N LEU A 75 1.93 -30.73 15.61
CA LEU A 75 2.91 -31.48 14.80
C LEU A 75 3.44 -32.76 15.45
N LEU A 76 3.27 -32.89 16.77
CA LEU A 76 3.71 -34.08 17.50
C LEU A 76 3.19 -35.36 16.89
N GLY A 77 4.11 -36.27 16.58
CA GLY A 77 3.70 -37.57 16.09
C GLY A 77 3.43 -37.61 14.61
N VAL A 78 3.42 -36.46 13.93
CA VAL A 78 3.10 -36.37 12.50
C VAL A 78 4.31 -35.97 11.64
N VAL A 79 5.29 -35.30 12.23
CA VAL A 79 6.48 -34.86 11.50
C VAL A 79 7.71 -35.59 12.06
N LYS A 80 8.87 -35.38 11.44
CA LYS A 80 10.07 -36.08 11.80
C LYS A 80 10.56 -35.76 13.22
N ASP A 81 10.54 -34.48 13.56
CA ASP A 81 10.95 -34.03 14.87
C ASP A 81 10.35 -32.65 15.11
N VAL A 82 10.04 -32.40 16.37
CA VAL A 82 9.60 -31.09 16.85
C VAL A 82 10.35 -30.78 18.12
N LEU A 83 10.87 -29.57 18.25
CA LEU A 83 11.44 -29.10 19.49
C LEU A 83 10.98 -27.66 19.71
N VAL A 84 10.62 -27.33 20.94
CA VAL A 84 10.29 -25.96 21.32
C VAL A 84 11.46 -25.37 22.13
N VAL A 85 11.91 -24.17 21.77
CA VAL A 85 12.80 -23.42 22.63
C VAL A 85 11.95 -22.34 23.24
N PHE A 86 11.78 -22.40 24.56
CA PHE A 86 11.00 -21.40 25.29
C PHE A 86 11.95 -20.28 25.76
N LEU A 87 11.68 -19.06 25.28
CA LEU A 87 12.58 -17.91 25.40
C LEU A 87 12.13 -16.87 26.40
N GLY A 88 10.98 -17.04 27.01
CA GLY A 88 10.48 -16.09 28.00
C GLY A 88 10.81 -16.36 29.46
N LYS A 89 10.29 -15.48 30.31
CA LYS A 89 10.53 -15.53 31.76
C LYS A 89 9.26 -15.81 32.57
N LYS A 90 8.11 -15.72 31.92
CA LYS A 90 6.84 -16.02 32.51
C LYS A 90 5.89 -16.27 31.34
N LYS A 91 4.70 -16.78 31.63
CA LYS A 91 3.76 -17.14 30.56
C LYS A 91 2.39 -16.56 30.85
N THR A 92 1.73 -16.03 29.83
CA THR A 92 0.34 -15.63 29.98
C THR A 92 -0.47 -16.90 30.31
N PRO A 93 -1.70 -16.73 30.79
CA PRO A 93 -2.54 -17.91 31.10
C PRO A 93 -2.71 -18.90 29.90
N ASP A 94 -2.97 -18.37 28.72
CA ASP A 94 -3.19 -19.23 27.56
C ASP A 94 -1.89 -19.82 27.09
N CYS A 95 -0.79 -19.07 27.20
CA CYS A 95 0.48 -19.65 26.87
C CYS A 95 0.84 -20.81 27.86
N GLU A 96 0.54 -20.63 29.16
CA GLU A 96 0.79 -21.65 30.14
C GLU A 96 -0.06 -22.92 29.86
N TYR A 97 -1.33 -22.70 29.53
CA TYR A 97 -2.23 -23.80 29.20
C TYR A 97 -1.65 -24.65 28.08
N ASN A 98 -1.28 -23.99 26.98
CA ASN A 98 -0.81 -24.68 25.80
C ASN A 98 0.61 -25.28 25.92
N TYR A 99 1.44 -24.66 26.73
CA TYR A 99 2.72 -25.26 27.16
C TYR A 99 2.47 -26.53 27.92
N GLY A 100 1.52 -26.49 28.84
CA GLY A 100 1.07 -27.67 29.55
C GLY A 100 0.58 -28.79 28.66
N LEU A 101 -0.26 -28.47 27.68
CA LEU A 101 -0.71 -29.51 26.73
C LEU A 101 0.43 -30.10 25.89
N TYR A 102 1.29 -29.24 25.38
CA TYR A 102 2.46 -29.66 24.63
C TYR A 102 3.27 -30.69 25.41
N LYS A 103 3.57 -30.40 26.67
CA LYS A 103 4.31 -31.37 27.50
C LYS A 103 3.49 -32.64 27.79
N LYS A 104 2.19 -32.50 28.04
CA LYS A 104 1.34 -33.69 28.32
C LYS A 104 1.29 -34.64 27.11
N PHE A 105 1.34 -34.09 25.90
CA PHE A 105 1.33 -34.84 24.66
C PHE A 105 2.71 -35.43 24.35
N GLY A 106 3.69 -35.28 25.23
CA GLY A 106 5.05 -35.81 25.02
C GLY A 106 6.05 -34.83 24.38
N GLY A 107 5.73 -33.56 24.26
CA GLY A 107 6.64 -32.62 23.59
C GLY A 107 7.85 -32.21 24.40
N LYS A 108 8.96 -31.93 23.72
CA LYS A 108 10.22 -31.53 24.39
C LYS A 108 10.38 -29.98 24.32
N VAL A 109 10.69 -29.39 25.47
CA VAL A 109 10.95 -27.95 25.60
C VAL A 109 12.32 -27.77 26.16
N VAL A 110 13.12 -26.90 25.57
CA VAL A 110 14.40 -26.49 26.23
C VAL A 110 14.28 -24.99 26.41
N GLU A 111 15.01 -24.45 27.38
CA GLU A 111 14.99 -23.04 27.73
C GLU A 111 16.29 -22.32 27.42
N GLN A 112 17.20 -22.97 26.71
CA GLN A 112 18.44 -22.35 26.27
C GLN A 112 18.60 -22.56 24.76
N PHE A 113 18.89 -21.47 24.04
CA PHE A 113 19.10 -21.50 22.60
C PHE A 113 20.57 -21.76 22.33
N GLU A 114 20.84 -22.89 21.69
CA GLU A 114 22.23 -23.24 21.32
C GLU A 114 22.47 -23.03 19.81
N PRO A 115 23.43 -22.17 19.42
CA PRO A 115 23.66 -21.82 18.00
C PRO A 115 23.65 -23.01 17.03
N SER A 116 24.24 -24.13 17.43
CA SER A 116 24.28 -25.34 16.61
C SER A 116 22.95 -26.10 16.51
N ILE A 117 21.96 -25.71 17.32
CA ILE A 117 20.67 -26.41 17.30
C ILE A 117 20.00 -26.24 15.92
N LEU A 118 20.20 -25.07 15.30
CA LEU A 118 19.68 -24.81 13.96
C LEU A 118 20.07 -25.88 12.95
N ASN A 119 21.27 -26.45 13.11
CA ASN A 119 21.76 -27.53 12.23
C ASN A 119 20.86 -28.73 12.05
N GLU A 120 20.10 -29.11 13.08
CA GLU A 120 19.28 -30.32 13.00
C GLU A 120 17.80 -30.09 12.71
N PHE A 121 17.45 -28.90 12.22
CA PHE A 121 16.07 -28.60 11.88
C PHE A 121 15.97 -28.05 10.46
N ASP A 122 14.80 -28.20 9.86
CA ASP A 122 14.54 -27.77 8.50
C ASP A 122 13.69 -26.50 8.45
N VAL A 123 12.76 -26.40 9.39
CA VAL A 123 11.82 -25.28 9.45
C VAL A 123 11.94 -24.65 10.82
N VAL A 124 12.11 -23.33 10.86
CA VAL A 124 11.95 -22.55 12.10
C VAL A 124 10.60 -21.85 12.16
N VAL A 125 9.83 -22.13 13.22
CA VAL A 125 8.56 -21.47 13.47
C VAL A 125 8.82 -20.37 14.47
N ASP A 126 8.66 -19.14 14.02
CA ASP A 126 8.93 -17.93 14.82
C ASP A 126 7.66 -17.48 15.57
N ALA A 127 7.57 -17.83 16.84
CA ALA A 127 6.46 -17.46 17.70
C ALA A 127 6.99 -16.72 18.92
N ILE A 128 7.97 -15.84 18.70
CA ILE A 128 8.59 -15.16 19.81
C ILE A 128 7.72 -13.97 20.25
N PHE A 129 7.53 -13.01 19.33
CA PHE A 129 6.70 -11.80 19.59
C PHE A 129 5.69 -11.59 18.48
N GLY A 130 4.51 -11.13 18.84
CA GLY A 130 3.54 -10.76 17.82
C GLY A 130 3.30 -9.27 17.85
N THR A 131 2.03 -8.90 17.93
CA THR A 131 1.60 -7.50 17.98
C THR A 131 1.86 -6.90 19.39
N GLY A 132 2.23 -7.70 20.38
CA GLY A 132 2.59 -7.18 21.71
C GLY A 132 4.03 -6.69 21.85
N LEU A 133 4.83 -6.75 20.79
CA LEU A 133 6.18 -6.18 20.86
C LEU A 133 6.14 -4.70 21.21
N ARG A 134 6.89 -4.28 22.22
CA ARG A 134 7.03 -2.86 22.57
C ARG A 134 8.52 -2.60 22.73
N GLY A 135 9.06 -1.69 21.95
CA GLY A 135 10.43 -1.30 22.15
C GLY A 135 11.42 -2.23 21.46
N GLU A 136 12.64 -1.72 21.40
CA GLU A 136 13.73 -2.35 20.72
C GLU A 136 13.94 -3.72 21.33
N ILE A 137 14.15 -4.70 20.48
CA ILE A 137 14.61 -6.03 20.89
C ILE A 137 16.12 -6.06 21.18
N THR A 138 16.50 -6.55 22.35
CA THR A 138 17.90 -6.69 22.60
C THR A 138 18.26 -8.02 23.19
N GLY A 139 19.52 -8.09 23.63
CA GLY A 139 19.96 -9.14 24.50
C GLY A 139 19.95 -10.41 23.72
N GLU A 140 19.50 -11.46 24.39
CA GLU A 140 19.55 -12.78 23.82
C GLU A 140 18.49 -12.93 22.76
N TYR A 141 17.35 -12.25 22.88
CA TYR A 141 16.34 -12.26 21.77
C TYR A 141 16.97 -11.84 20.44
N ALA A 142 17.75 -10.76 20.45
CA ALA A 142 18.37 -10.26 19.26
C ALA A 142 19.40 -11.26 18.65
N GLU A 143 20.24 -11.86 19.50
CA GLU A 143 21.23 -12.85 19.03
C GLU A 143 20.54 -14.01 18.37
N ILE A 144 19.46 -14.45 18.98
CA ILE A 144 18.71 -15.55 18.46
C ILE A 144 18.10 -15.26 17.06
N ILE A 145 17.40 -14.13 16.96
CA ILE A 145 16.82 -13.70 15.72
C ILE A 145 17.92 -13.57 14.64
N ASN A 146 19.08 -12.98 14.99
CA ASN A 146 20.19 -12.87 14.03
C ASN A 146 20.73 -14.23 13.54
N LEU A 147 20.84 -15.19 14.46
CA LEU A 147 21.19 -16.58 14.12
C LEU A 147 20.16 -17.22 13.18
N VAL A 148 18.86 -17.06 13.43
CA VAL A 148 17.83 -17.57 12.54
C VAL A 148 17.96 -16.96 11.12
N ASN A 149 18.20 -15.66 11.02
CA ASN A 149 18.35 -15.01 9.74
C ASN A 149 19.61 -15.43 8.98
N LYS A 150 20.64 -15.91 9.66
CA LYS A 150 21.84 -16.40 8.95
C LYS A 150 21.78 -17.90 8.66
N SER A 151 20.74 -18.57 9.09
CA SER A 151 20.74 -20.04 9.10
C SER A 151 20.42 -20.67 7.75
N GLY A 152 19.74 -19.92 6.89
CA GLY A 152 19.21 -20.46 5.62
C GLY A 152 18.07 -21.47 5.71
N LYS A 153 17.41 -21.56 6.86
CA LYS A 153 16.29 -22.47 7.02
C LYS A 153 15.02 -21.78 6.55
N VAL A 154 14.01 -22.57 6.29
CA VAL A 154 12.69 -22.06 6.03
C VAL A 154 12.09 -21.45 7.29
N VAL A 155 11.66 -20.18 7.20
CA VAL A 155 11.12 -19.47 8.36
C VAL A 155 9.64 -19.14 8.20
N VAL A 156 8.85 -19.61 9.16
CA VAL A 156 7.43 -19.35 9.23
C VAL A 156 7.20 -18.51 10.48
N SER A 157 6.67 -17.29 10.30
CA SER A 157 6.34 -16.42 11.40
C SER A 157 4.88 -16.46 11.74
N VAL A 158 4.63 -16.56 13.04
CA VAL A 158 3.31 -16.54 13.60
C VAL A 158 2.90 -15.10 13.86
N ASP A 159 1.81 -14.68 13.21
CA ASP A 159 1.22 -13.35 13.33
C ASP A 159 2.01 -12.23 12.60
N VAL A 160 3.19 -11.93 13.06
CA VAL A 160 4.04 -10.90 12.44
C VAL A 160 5.45 -11.39 12.69
N PRO A 161 6.38 -11.23 11.75
CA PRO A 161 7.78 -11.56 12.05
C PRO A 161 8.26 -10.82 13.27
N SER A 162 8.90 -11.53 14.21
CA SER A 162 9.25 -10.94 15.48
C SER A 162 10.24 -9.83 15.29
N GLY A 163 9.99 -8.67 15.90
CA GLY A 163 10.86 -7.52 15.68
C GLY A 163 10.24 -6.45 14.79
N ILE A 164 9.15 -6.77 14.10
CA ILE A 164 8.41 -5.75 13.35
C ILE A 164 7.34 -5.14 14.24
N ASP A 165 7.25 -3.80 14.28
CA ASP A 165 6.16 -3.07 14.95
C ASP A 165 4.93 -3.22 14.06
N SER A 166 3.89 -3.87 14.59
CA SER A 166 2.77 -4.24 13.78
C SER A 166 1.93 -3.02 13.38
N ASN A 167 2.14 -1.90 14.05
CA ASN A 167 1.42 -0.66 13.73
C ASN A 167 2.10 0.20 12.70
N THR A 168 3.39 0.01 12.48
CA THR A 168 4.11 0.87 11.57
C THR A 168 4.90 0.15 10.47
N GLY A 169 5.27 -1.11 10.67
CA GLY A 169 6.20 -1.79 9.75
C GLY A 169 7.68 -1.54 9.99
N LYS A 170 8.01 -0.74 11.00
CA LYS A 170 9.42 -0.49 11.33
C LYS A 170 10.04 -1.64 12.07
N VAL A 171 11.36 -1.80 11.91
CA VAL A 171 12.09 -2.86 12.57
C VAL A 171 12.55 -2.36 13.93
N LEU A 172 12.28 -3.12 14.99
CA LEU A 172 12.62 -2.70 16.32
C LEU A 172 14.01 -3.31 16.73
N ARG A 173 15.07 -2.66 16.19
CA ARG A 173 16.48 -3.07 16.22
C ARG A 173 16.85 -4.24 15.31
N THR A 174 16.15 -5.35 15.43
CA THR A 174 16.36 -6.44 14.45
C THR A 174 15.05 -7.20 14.34
N ALA A 175 14.88 -7.99 13.26
CA ALA A 175 13.62 -8.68 13.02
C ALA A 175 13.87 -9.91 12.21
N VAL A 176 12.98 -10.88 12.38
CA VAL A 176 13.02 -12.11 11.63
C VAL A 176 12.66 -11.84 10.20
N LYS A 177 13.41 -12.42 9.27
CA LYS A 177 13.01 -12.43 7.86
C LYS A 177 12.30 -13.75 7.59
N ALA A 178 11.01 -13.69 7.34
CA ALA A 178 10.18 -14.86 7.11
C ALA A 178 9.98 -15.24 5.65
N ASP A 179 9.90 -16.53 5.38
CA ASP A 179 9.42 -17.00 4.05
C ASP A 179 7.89 -16.95 3.99
N LEU A 180 7.24 -17.18 5.14
CA LEU A 180 5.77 -17.30 5.21
C LEU A 180 5.37 -16.72 6.55
N THR A 181 4.38 -15.84 6.56
CA THR A 181 3.81 -15.27 7.79
C THR A 181 2.33 -15.60 7.73
N VAL A 182 1.80 -16.15 8.84
CA VAL A 182 0.39 -16.45 8.97
C VAL A 182 -0.15 -15.51 10.02
N THR A 183 -1.05 -14.62 9.65
CA THR A 183 -1.62 -13.68 10.62
C THR A 183 -3.10 -13.95 10.75
N PHE A 184 -3.75 -13.35 11.74
CA PHE A 184 -5.10 -13.79 12.15
C PHE A 184 -6.10 -12.67 12.02
N GLY A 185 -7.23 -12.95 11.38
CA GLY A 185 -8.30 -11.97 11.23
C GLY A 185 -8.14 -11.02 10.06
N VAL A 186 -7.15 -10.13 10.15
CA VAL A 186 -6.92 -9.10 9.15
C VAL A 186 -5.39 -8.90 8.97
N PRO A 187 -4.96 -8.42 7.80
CA PRO A 187 -3.55 -8.06 7.77
C PRO A 187 -3.29 -6.90 8.74
N LYS A 188 -2.08 -6.84 9.25
CA LYS A 188 -1.65 -5.72 10.06
C LYS A 188 -0.92 -4.70 9.23
N ILE A 189 -0.95 -3.45 9.68
CA ILE A 189 -0.21 -2.38 8.98
C ILE A 189 1.26 -2.70 8.73
N GLY A 190 1.92 -3.37 9.69
CA GLY A 190 3.29 -3.83 9.59
C GLY A 190 3.62 -4.91 8.54
N HIS A 191 2.59 -5.60 8.03
CA HIS A 191 2.74 -6.51 6.91
C HIS A 191 2.74 -5.73 5.56
N ILE A 192 2.19 -4.50 5.59
CA ILE A 192 1.78 -3.73 4.41
C ILE A 192 2.79 -2.63 4.10
N LEU A 193 3.34 -2.00 5.14
CA LEU A 193 4.37 -1.00 4.97
C LEU A 193 5.76 -1.61 5.12
N PHE A 194 6.72 -0.99 4.46
CA PHE A 194 8.13 -1.43 4.51
C PHE A 194 8.80 -0.73 5.69
N PRO A 195 9.82 -1.37 6.28
CA PRO A 195 10.42 -2.65 5.86
C PRO A 195 9.66 -3.92 6.20
N GLY A 196 8.67 -3.84 7.09
CA GLY A 196 7.87 -4.99 7.42
C GLY A 196 7.32 -5.83 6.27
N ARG A 197 6.90 -5.18 5.20
CA ARG A 197 6.34 -5.90 4.08
C ARG A 197 7.36 -6.86 3.51
N ASP A 198 8.60 -6.45 3.50
CA ASP A 198 9.67 -7.24 2.95
C ASP A 198 10.00 -8.44 3.86
N LEU A 199 9.94 -8.24 5.15
CA LEU A 199 10.29 -9.31 6.09
C LEU A 199 9.21 -10.40 6.30
N THR A 200 7.98 -10.05 5.90
CA THR A 200 6.79 -10.85 6.04
C THR A 200 6.84 -12.01 5.09
N GLY A 201 7.51 -11.81 3.93
CA GLY A 201 7.47 -12.81 2.89
C GLY A 201 6.04 -13.03 2.40
N LYS A 202 5.67 -14.28 2.09
CA LYS A 202 4.31 -14.57 1.68
C LYS A 202 3.34 -14.46 2.82
N LEU A 203 2.30 -13.64 2.67
CA LEU A 203 1.32 -13.47 3.76
C LEU A 203 0.04 -14.23 3.53
N LYS A 204 -0.38 -15.01 4.54
CA LYS A 204 -1.72 -15.58 4.59
C LYS A 204 -2.50 -15.03 5.80
N VAL A 205 -3.73 -14.63 5.54
CA VAL A 205 -4.62 -14.14 6.60
C VAL A 205 -5.67 -15.22 6.90
N ALA A 206 -5.61 -15.72 8.14
CA ALA A 206 -6.40 -16.85 8.58
C ALA A 206 -7.61 -16.37 9.33
N ASN A 207 -8.76 -16.97 9.04
CA ASN A 207 -9.98 -16.77 9.77
C ASN A 207 -9.91 -17.68 11.00
N ILE A 208 -9.85 -17.08 12.20
CA ILE A 208 -9.79 -17.87 13.44
C ILE A 208 -11.06 -17.81 14.31
N GLY A 209 -12.13 -17.27 13.75
CA GLY A 209 -13.48 -17.31 14.35
C GLY A 209 -13.98 -16.03 14.93
N HIS A 210 -13.25 -14.91 14.75
CA HIS A 210 -13.82 -13.58 15.08
C HIS A 210 -15.10 -13.35 14.26
N PRO A 211 -16.12 -12.72 14.85
CA PRO A 211 -17.30 -12.49 14.04
C PRO A 211 -17.04 -11.50 12.89
N VAL A 212 -17.67 -11.77 11.76
CA VAL A 212 -17.35 -11.04 10.53
C VAL A 212 -17.64 -9.55 10.69
N HIS A 213 -18.68 -9.22 11.45
CA HIS A 213 -18.98 -7.81 11.83
C HIS A 213 -17.78 -7.08 12.42
N LEU A 214 -17.06 -7.71 13.34
CA LEU A 214 -15.89 -7.05 13.94
C LEU A 214 -14.77 -6.95 12.92
N ILE A 215 -14.60 -7.96 12.08
CA ILE A 215 -13.55 -7.96 11.05
C ILE A 215 -13.82 -6.87 10.03
N ASN A 216 -15.09 -6.61 9.75
CA ASN A 216 -15.49 -5.54 8.81
C ASN A 216 -15.60 -4.16 9.41
N SER A 217 -15.39 -4.04 10.71
CA SER A 217 -15.47 -2.76 11.34
C SER A 217 -14.17 -1.97 11.12
N ILE A 218 -13.12 -2.63 10.60
CA ILE A 218 -11.81 -1.96 10.35
C ILE A 218 -11.94 -0.81 9.32
N ASN A 219 -11.25 0.30 9.57
CA ASN A 219 -11.32 1.53 8.72
C ASN A 219 -10.17 1.72 7.74
N ARG A 220 -9.23 0.81 7.77
CA ARG A 220 -8.11 0.87 6.91
C ARG A 220 -8.13 -0.44 6.15
N TYR A 221 -7.87 -0.36 4.85
CA TYR A 221 -8.10 -1.48 3.93
C TYR A 221 -6.91 -1.65 3.00
N VAL A 222 -6.62 -2.88 2.61
CA VAL A 222 -5.79 -3.15 1.47
C VAL A 222 -6.67 -3.11 0.21
N ILE A 223 -6.18 -2.44 -0.84
CA ILE A 223 -6.91 -2.35 -2.13
C ILE A 223 -6.78 -3.67 -2.86
N THR A 224 -7.91 -4.31 -3.13
CA THR A 224 -7.90 -5.64 -3.74
C THR A 224 -8.45 -5.57 -5.14
N ARG A 225 -8.18 -6.63 -5.89
CA ARG A 225 -8.70 -6.79 -7.21
C ARG A 225 -10.24 -6.67 -7.20
N GLU A 226 -10.91 -7.23 -6.19
CA GLU A 226 -12.38 -7.32 -6.20
C GLU A 226 -12.92 -5.90 -5.91
N MET A 227 -12.26 -5.16 -5.01
CA MET A 227 -12.70 -3.80 -4.75
C MET A 227 -12.62 -2.91 -6.04
N VAL A 228 -11.53 -3.02 -6.76
CA VAL A 228 -11.31 -2.25 -7.98
C VAL A 228 -12.27 -2.66 -9.06
N ARG A 229 -12.51 -3.95 -9.21
CA ARG A 229 -13.49 -4.42 -10.18
C ARG A 229 -14.84 -3.83 -9.89
N SER A 230 -15.25 -3.75 -8.64
CA SER A 230 -16.58 -3.20 -8.31
C SER A 230 -16.67 -1.68 -8.57
N LEU A 231 -15.53 -0.98 -8.56
CA LEU A 231 -15.51 0.47 -8.77
C LEU A 231 -15.30 0.91 -10.20
N LEU A 232 -14.80 0.06 -11.07
CA LEU A 232 -14.62 0.45 -12.46
C LEU A 232 -15.94 0.97 -13.05
N PRO A 233 -15.94 2.12 -13.69
CA PRO A 233 -17.25 2.55 -14.22
C PRO A 233 -17.80 1.70 -15.40
N GLU A 234 -19.10 1.77 -15.55
CA GLU A 234 -19.82 1.02 -16.56
C GLU A 234 -19.61 1.72 -17.92
N ARG A 235 -19.62 0.97 -19.01
CA ARG A 235 -19.53 1.58 -20.36
C ARG A 235 -20.86 1.34 -21.10
N PRO A 236 -21.85 2.24 -20.94
CA PRO A 236 -23.10 2.02 -21.62
C PRO A 236 -22.87 2.04 -23.14
N ARG A 237 -23.51 1.10 -23.83
CA ARG A 237 -23.26 0.96 -25.26
C ARG A 237 -23.70 2.19 -26.04
N ASP A 238 -24.79 2.83 -25.62
CA ASP A 238 -25.26 4.02 -26.33
C ASP A 238 -24.62 5.29 -25.79
N SER A 239 -23.32 5.39 -25.91
CA SER A 239 -22.54 6.44 -25.27
C SER A 239 -21.92 7.33 -26.35
N HIS A 240 -21.29 8.41 -25.93
CA HIS A 240 -20.47 9.23 -26.83
C HIS A 240 -19.33 9.77 -26.00
N LYS A 241 -18.39 10.45 -26.62
CA LYS A 241 -17.23 10.81 -25.85
C LYS A 241 -17.52 11.56 -24.55
N GLY A 242 -18.51 12.46 -24.59
CA GLY A 242 -18.91 13.23 -23.46
C GLY A 242 -19.39 12.38 -22.30
N THR A 243 -19.98 11.22 -22.61
CA THR A 243 -20.35 10.27 -21.57
C THR A 243 -19.16 9.93 -20.64
N TYR A 244 -17.96 9.87 -21.21
CA TYR A 244 -16.78 9.42 -20.51
C TYR A 244 -15.89 10.55 -19.99
N GLY A 245 -16.42 11.76 -19.98
CA GLY A 245 -15.71 12.90 -19.39
C GLY A 245 -14.64 13.59 -20.24
N LYS A 246 -14.29 14.78 -19.78
CA LYS A 246 -13.35 15.66 -20.42
C LYS A 246 -12.38 16.15 -19.36
N VAL A 247 -11.10 16.11 -19.70
CA VAL A 247 -10.03 16.46 -18.79
C VAL A 247 -9.21 17.56 -19.42
N LEU A 248 -8.85 18.57 -18.62
CA LEU A 248 -7.79 19.49 -18.99
C LEU A 248 -6.55 19.21 -18.16
N ILE A 249 -5.39 19.13 -18.78
CA ILE A 249 -4.14 18.98 -18.12
C ILE A 249 -3.30 20.24 -18.35
N ILE A 250 -3.01 20.96 -17.28
CA ILE A 250 -2.13 22.12 -17.32
C ILE A 250 -0.73 21.69 -16.88
N ALA A 251 0.23 21.66 -17.80
CA ALA A 251 1.48 20.94 -17.55
C ALA A 251 2.56 21.43 -18.50
N GLY A 252 3.80 21.15 -18.14
CA GLY A 252 4.89 21.40 -19.07
C GLY A 252 5.46 22.79 -19.00
N SER A 253 6.59 22.94 -19.66
CA SER A 253 7.45 24.10 -19.62
C SER A 253 8.54 23.86 -20.65
N ARG A 254 9.33 24.88 -20.95
CA ARG A 254 10.43 24.71 -21.87
C ARG A 254 11.44 23.66 -21.35
N LEU A 255 11.55 23.55 -20.02
CA LEU A 255 12.41 22.56 -19.40
C LEU A 255 11.87 21.14 -19.46
N TYR A 256 10.57 20.99 -19.27
CA TYR A 256 9.95 19.66 -19.07
C TYR A 256 8.87 19.45 -20.08
N SER A 257 9.25 19.09 -21.30
CA SER A 257 8.25 19.03 -22.39
C SER A 257 7.49 17.70 -22.45
N GLY A 258 8.04 16.66 -21.82
CA GLY A 258 7.42 15.32 -21.89
C GLY A 258 6.29 15.06 -20.94
N ALA A 259 6.34 15.67 -19.75
CA ALA A 259 5.32 15.43 -18.74
C ALA A 259 3.86 15.49 -19.25
N PRO A 260 3.51 16.53 -20.05
CA PRO A 260 2.10 16.63 -20.45
C PRO A 260 1.58 15.45 -21.27
N VAL A 261 2.46 14.93 -22.13
CA VAL A 261 2.16 13.83 -22.98
C VAL A 261 1.82 12.55 -22.15
N LEU A 262 2.60 12.27 -21.11
CA LEU A 262 2.40 11.08 -20.28
C LEU A 262 1.10 11.22 -19.48
N SER A 263 0.84 12.41 -18.94
CA SER A 263 -0.39 12.64 -18.19
C SER A 263 -1.63 12.51 -19.07
N GLY A 264 -1.57 13.14 -20.23
CA GLY A 264 -2.74 13.07 -21.16
C GLY A 264 -3.10 11.66 -21.57
N MET A 265 -2.09 10.90 -22.00
CA MET A 265 -2.33 9.54 -22.39
C MET A 265 -2.76 8.68 -21.23
N GLY A 266 -2.25 8.98 -20.05
CA GLY A 266 -2.77 8.38 -18.85
C GLY A 266 -4.31 8.50 -18.72
N SER A 267 -4.84 9.67 -18.95
CA SER A 267 -6.30 9.83 -18.99
C SER A 267 -6.96 9.06 -20.11
N LEU A 268 -6.39 9.09 -21.33
CA LEU A 268 -7.04 8.39 -22.44
C LEU A 268 -7.05 6.89 -22.27
N LYS A 269 -5.94 6.34 -21.76
CA LYS A 269 -5.82 4.88 -21.68
C LYS A 269 -6.80 4.28 -20.64
N VAL A 270 -7.31 5.09 -19.71
CA VAL A 270 -8.28 4.57 -18.72
C VAL A 270 -9.74 4.79 -19.17
N GLY A 271 -9.92 5.37 -20.35
CA GLY A 271 -11.25 5.39 -21.01
C GLY A 271 -11.90 6.77 -21.04
N THR A 272 -11.14 7.81 -20.75
CA THR A 272 -11.68 9.17 -20.76
C THR A 272 -12.02 9.58 -22.19
N GLY A 273 -13.08 10.38 -22.35
CA GLY A 273 -13.57 10.71 -23.65
C GLY A 273 -12.74 11.75 -24.42
N LEU A 274 -12.40 12.83 -23.74
CA LEU A 274 -11.64 13.91 -24.34
C LEU A 274 -10.59 14.39 -23.39
N VAL A 275 -9.37 14.53 -23.90
CA VAL A 275 -8.27 15.10 -23.12
C VAL A 275 -7.65 16.24 -23.89
N LYS A 276 -7.55 17.39 -23.21
CA LYS A 276 -6.88 18.58 -23.69
C LYS A 276 -5.75 18.94 -22.78
N LEU A 277 -4.62 19.29 -23.36
CA LEU A 277 -3.46 19.75 -22.62
C LEU A 277 -3.31 21.24 -22.91
N ALA A 278 -2.88 21.99 -21.90
CA ALA A 278 -2.41 23.34 -22.09
C ALA A 278 -0.94 23.38 -21.73
N VAL A 279 -0.14 23.67 -22.73
CA VAL A 279 1.29 23.55 -22.66
C VAL A 279 1.91 24.74 -23.38
N PRO A 280 3.01 25.30 -22.82
CA PRO A 280 3.65 26.43 -23.48
C PRO A 280 4.14 26.07 -24.87
N PHE A 281 3.87 26.97 -25.80
CA PHE A 281 4.34 26.84 -27.18
C PHE A 281 5.82 27.00 -27.19
N PRO A 282 6.55 26.23 -28.04
CA PRO A 282 6.10 25.18 -28.95
C PRO A 282 6.17 23.78 -28.35
N GLN A 283 6.33 23.68 -27.02
CA GLN A 283 6.41 22.36 -26.38
C GLN A 283 5.11 21.60 -26.50
N ASN A 284 3.99 22.31 -26.74
CA ASN A 284 2.68 21.68 -26.98
C ASN A 284 2.70 20.76 -28.21
N LEU A 285 3.50 21.09 -29.19
CA LEU A 285 3.60 20.26 -30.41
C LEU A 285 4.23 18.89 -30.27
N ILE A 286 5.04 18.71 -29.22
CA ILE A 286 5.61 17.42 -28.84
C ILE A 286 4.51 16.38 -28.60
N ALA A 287 3.38 16.78 -28.00
CA ALA A 287 2.34 15.83 -27.63
C ALA A 287 1.66 15.17 -28.81
N THR A 288 1.26 15.98 -29.77
CA THR A 288 0.48 15.50 -30.90
C THR A 288 1.35 14.77 -31.90
N SER A 289 2.65 15.09 -31.95
CA SER A 289 3.56 14.35 -32.78
C SER A 289 3.68 12.89 -32.34
N ARG A 290 3.53 12.63 -31.05
CA ARG A 290 3.59 11.26 -30.49
C ARG A 290 2.16 10.60 -30.46
N PHE A 291 1.16 11.35 -30.00
CA PHE A 291 -0.21 10.89 -29.87
C PHE A 291 -1.20 11.92 -30.41
N PRO A 292 -1.52 11.81 -31.71
CA PRO A 292 -2.35 12.79 -32.36
C PRO A 292 -3.79 12.79 -31.89
N GLU A 293 -4.20 11.85 -31.04
CA GLU A 293 -5.56 11.86 -30.49
C GLU A 293 -5.70 12.88 -29.34
N LEU A 294 -4.56 13.35 -28.81
CA LEU A 294 -4.57 14.43 -27.80
C LEU A 294 -4.86 15.75 -28.47
N ILE A 295 -5.51 16.65 -27.73
CA ILE A 295 -5.59 18.07 -28.09
C ILE A 295 -4.51 18.74 -27.24
N SER A 296 -3.58 19.43 -27.87
CA SER A 296 -2.52 20.09 -27.15
C SER A 296 -2.50 21.59 -27.53
N VAL A 297 -3.11 22.41 -26.66
CA VAL A 297 -3.33 23.83 -26.91
C VAL A 297 -2.05 24.61 -26.64
N PRO A 298 -1.63 25.44 -27.60
CA PRO A 298 -0.40 26.20 -27.38
C PRO A 298 -0.68 27.39 -26.46
N ILE A 299 0.12 27.55 -25.42
CA ILE A 299 -0.05 28.72 -24.50
C ILE A 299 1.13 29.66 -24.73
N ASP A 300 0.86 30.94 -25.00
CA ASP A 300 1.90 31.89 -25.26
C ASP A 300 2.47 32.31 -23.91
N THR A 301 3.76 32.08 -23.68
CA THR A 301 4.41 32.47 -22.40
C THR A 301 5.56 33.40 -22.71
N GLU A 302 5.99 34.18 -21.73
CA GLU A 302 7.10 35.07 -21.94
C GLU A 302 8.44 34.32 -22.07
N LYS A 303 8.68 33.35 -21.17
CA LYS A 303 9.98 32.65 -21.04
C LYS A 303 9.86 31.11 -20.96
N GLY A 304 8.71 30.55 -21.30
CA GLY A 304 8.59 29.07 -21.38
C GLY A 304 7.94 28.47 -20.17
N PHE A 305 7.41 29.32 -19.26
CA PHE A 305 6.71 28.84 -18.09
C PHE A 305 5.38 29.56 -17.92
N PHE A 306 4.41 28.84 -17.38
CA PHE A 306 3.15 29.48 -17.04
C PHE A 306 3.36 30.64 -16.08
N SER A 307 2.57 31.69 -16.22
CA SER A 307 2.57 32.80 -15.27
C SER A 307 1.15 33.35 -15.19
N LEU A 308 0.97 34.35 -14.34
CA LEU A 308 -0.34 35.02 -14.22
C LEU A 308 -0.89 35.51 -15.56
N GLN A 309 -0.05 35.83 -16.53
CA GLN A 309 -0.62 36.25 -17.81
C GLN A 309 -1.45 35.14 -18.49
N ASN A 310 -1.27 33.90 -18.05
CA ASN A 310 -2.02 32.81 -18.65
C ASN A 310 -3.24 32.40 -17.82
N LEU A 311 -3.50 33.12 -16.73
CA LEU A 311 -4.59 32.77 -15.82
C LEU A 311 -5.91 32.71 -16.57
N GLN A 312 -6.23 33.77 -17.31
CA GLN A 312 -7.57 33.86 -17.87
C GLN A 312 -7.77 32.78 -18.93
N GLU A 313 -6.78 32.55 -19.76
CA GLU A 313 -6.93 31.50 -20.78
C GLU A 313 -7.16 30.11 -20.16
N CYS A 314 -6.46 29.80 -19.08
CA CYS A 314 -6.63 28.45 -18.46
C CYS A 314 -8.00 28.32 -17.83
N LEU A 315 -8.49 29.42 -17.24
CA LEU A 315 -9.83 29.40 -16.64
C LEU A 315 -10.87 29.21 -17.73
N GLU A 316 -10.70 29.90 -18.86
CA GLU A 316 -11.56 29.68 -20.04
C GLU A 316 -11.62 28.23 -20.57
N LEU A 317 -10.44 27.66 -20.74
CA LEU A 317 -10.28 26.25 -21.11
C LEU A 317 -10.94 25.29 -20.11
N SER A 318 -10.90 25.63 -18.81
CA SER A 318 -11.49 24.79 -17.77
C SER A 318 -13.01 24.73 -17.79
N LYS A 319 -13.67 25.74 -18.34
CA LYS A 319 -15.11 25.80 -18.32
C LYS A 319 -15.74 24.60 -19.00
N ASP A 320 -15.14 24.09 -20.08
CA ASP A 320 -15.76 23.04 -20.86
C ASP A 320 -15.23 21.64 -20.54
N VAL A 321 -14.61 21.45 -19.35
CA VAL A 321 -14.11 20.15 -18.96
C VAL A 321 -14.69 19.80 -17.62
N ASP A 322 -14.53 18.55 -17.24
CA ASP A 322 -15.03 18.05 -15.96
C ASP A 322 -14.01 18.09 -14.82
N VAL A 323 -12.72 17.96 -15.12
CA VAL A 323 -11.68 17.88 -14.11
C VAL A 323 -10.47 18.55 -14.68
N VAL A 324 -9.64 19.12 -13.82
CA VAL A 324 -8.39 19.71 -14.26
C VAL A 324 -7.27 19.04 -13.48
N ALA A 325 -6.23 18.59 -14.19
CA ALA A 325 -4.96 18.15 -13.57
C ALA A 325 -3.95 19.25 -13.80
N ILE A 326 -3.14 19.53 -12.80
CA ILE A 326 -2.12 20.55 -12.87
C ILE A 326 -0.86 20.11 -12.16
N GLY A 327 0.30 20.44 -12.72
CA GLY A 327 1.56 20.30 -12.02
C GLY A 327 2.72 19.67 -12.74
N PRO A 328 2.49 18.55 -13.42
CA PRO A 328 3.62 17.83 -14.02
C PRO A 328 4.43 18.71 -14.99
N GLY A 329 5.71 18.84 -14.70
CA GLY A 329 6.61 19.61 -15.55
C GLY A 329 6.40 21.11 -15.61
N LEU A 330 5.67 21.70 -14.66
CA LEU A 330 5.45 23.15 -14.70
C LEU A 330 6.72 23.95 -14.39
N GLY A 331 7.66 23.40 -13.61
CA GLY A 331 8.71 24.22 -13.11
C GLY A 331 8.24 24.84 -11.82
N ASN A 332 9.17 25.45 -11.09
CA ASN A 332 8.85 25.91 -9.77
C ASN A 332 9.46 27.28 -9.45
N ASN A 333 9.24 28.30 -10.24
CA ASN A 333 9.70 29.64 -9.90
C ASN A 333 8.49 30.44 -9.37
N GLU A 334 8.78 31.68 -8.98
CA GLU A 334 7.79 32.54 -8.37
C GLU A 334 6.60 32.82 -9.25
N HIS A 335 6.79 32.92 -10.56
CA HIS A 335 5.68 33.22 -11.48
C HIS A 335 4.76 31.99 -11.61
N VAL A 336 5.36 30.79 -11.61
CA VAL A 336 4.56 29.57 -11.56
C VAL A 336 3.76 29.48 -10.26
N ARG A 337 4.38 29.77 -9.11
CA ARG A 337 3.71 29.82 -7.82
C ARG A 337 2.48 30.76 -7.86
N GLU A 338 2.62 31.96 -8.39
CA GLU A 338 1.49 32.91 -8.43
C GLU A 338 0.34 32.36 -9.24
N PHE A 339 0.66 31.88 -10.45
CA PHE A 339 -0.30 31.25 -11.33
C PHE A 339 -1.01 30.05 -10.69
N VAL A 340 -0.26 29.06 -10.23
CA VAL A 340 -0.87 27.91 -9.63
C VAL A 340 -1.91 28.25 -8.55
N ASN A 341 -1.52 29.10 -7.59
CA ASN A 341 -2.36 29.39 -6.44
C ASN A 341 -3.58 30.22 -6.81
N GLU A 342 -3.40 31.24 -7.64
CA GLU A 342 -4.57 31.99 -8.14
C GLU A 342 -5.51 31.12 -9.00
N PHE A 343 -4.96 30.26 -9.87
CA PHE A 343 -5.79 29.35 -10.67
C PHE A 343 -6.62 28.43 -9.78
N LEU A 344 -5.97 27.74 -8.84
CA LEU A 344 -6.71 26.83 -7.95
C LEU A 344 -7.73 27.53 -7.04
N LYS A 345 -7.44 28.76 -6.63
CA LYS A 345 -8.39 29.53 -5.83
C LYS A 345 -9.66 29.84 -6.62
N THR A 346 -9.53 30.05 -7.91
CA THR A 346 -10.66 30.45 -8.75
C THR A 346 -11.34 29.27 -9.43
N LEU A 347 -10.64 28.16 -9.60
CA LEU A 347 -11.19 27.05 -10.36
C LEU A 347 -12.32 26.32 -9.61
N GLU A 348 -13.50 26.28 -10.22
CA GLU A 348 -14.65 25.60 -9.61
C GLU A 348 -14.88 24.22 -10.25
N LYS A 349 -13.80 23.43 -10.37
CA LYS A 349 -13.87 22.06 -10.91
C LYS A 349 -13.01 21.24 -9.95
N PRO A 350 -13.24 19.92 -9.85
CA PRO A 350 -12.25 19.05 -9.20
C PRO A 350 -10.86 19.28 -9.81
N ALA A 351 -9.83 19.22 -8.96
CA ALA A 351 -8.44 19.38 -9.39
C ALA A 351 -7.63 18.21 -8.91
N VAL A 352 -6.73 17.71 -9.76
CA VAL A 352 -5.75 16.78 -9.36
C VAL A 352 -4.42 17.53 -9.39
N ILE A 353 -3.74 17.58 -8.25
CA ILE A 353 -2.61 18.49 -8.01
C ILE A 353 -1.36 17.62 -7.75
N ASP A 354 -0.38 17.75 -8.62
CA ASP A 354 0.82 16.87 -8.65
C ASP A 354 2.09 17.73 -8.79
N ALA A 355 3.19 17.15 -8.36
CA ALA A 355 4.53 17.56 -8.81
C ALA A 355 4.78 19.02 -8.52
N ASP A 356 5.11 19.81 -9.54
CA ASP A 356 5.48 21.23 -9.30
C ASP A 356 4.33 22.07 -8.75
N ALA A 357 3.07 21.70 -9.05
CA ALA A 357 1.92 22.40 -8.43
C ALA A 357 1.86 22.14 -6.91
N ILE A 358 2.29 20.96 -6.46
CA ILE A 358 2.42 20.70 -5.00
C ILE A 358 3.60 21.51 -4.41
N ASN A 359 4.74 21.48 -5.08
CA ASN A 359 5.91 22.26 -4.64
C ASN A 359 5.68 23.77 -4.41
N VAL A 360 4.76 24.40 -5.16
CA VAL A 360 4.44 25.81 -4.96
C VAL A 360 3.11 26.09 -4.27
N LEU A 361 2.39 25.04 -3.90
CA LEU A 361 1.05 25.15 -3.38
C LEU A 361 1.02 25.88 -2.03
N ASP A 362 0.06 26.80 -1.92
CA ASP A 362 -0.33 27.41 -0.66
C ASP A 362 -1.49 26.58 -0.15
N THR A 363 -1.29 25.86 0.94
CA THR A 363 -2.33 24.98 1.46
C THR A 363 -3.56 25.71 1.96
N SER A 364 -3.43 27.00 2.29
CA SER A 364 -4.61 27.85 2.57
C SER A 364 -5.60 27.85 1.42
N VAL A 365 -5.08 27.84 0.19
CA VAL A 365 -5.93 27.71 -1.01
C VAL A 365 -6.83 26.47 -1.02
N LEU A 366 -6.34 25.33 -0.52
CA LEU A 366 -7.12 24.10 -0.47
C LEU A 366 -8.26 24.18 0.48
N LYS A 367 -8.03 24.82 1.62
CA LYS A 367 -9.07 24.98 2.60
C LYS A 367 -10.21 25.80 2.02
N GLU A 368 -9.89 26.81 1.24
CA GLU A 368 -10.94 27.73 0.81
C GLU A 368 -11.70 27.27 -0.46
N ARG A 369 -11.17 26.25 -1.15
CA ARG A 369 -11.82 25.75 -2.34
C ARG A 369 -13.13 25.07 -1.97
N LYS A 370 -14.18 25.34 -2.74
CA LYS A 370 -15.43 24.63 -2.60
C LYS A 370 -15.38 23.30 -3.34
N SER A 371 -14.67 23.24 -4.47
CA SER A 371 -14.55 22.02 -5.27
C SER A 371 -13.52 21.04 -4.67
N PRO A 372 -13.60 19.74 -5.05
CA PRO A 372 -12.69 18.77 -4.43
C PRO A 372 -11.29 18.80 -5.01
N ALA A 373 -10.34 18.12 -4.35
CA ALA A 373 -9.00 17.99 -4.86
C ALA A 373 -8.40 16.68 -4.43
N VAL A 374 -7.52 16.17 -5.27
CA VAL A 374 -6.67 15.04 -4.99
C VAL A 374 -5.24 15.57 -5.12
N LEU A 375 -4.43 15.34 -4.09
CA LEU A 375 -2.98 15.62 -4.18
C LEU A 375 -2.20 14.32 -4.24
N THR A 376 -1.19 14.28 -5.11
CA THR A 376 -0.40 13.06 -5.35
C THR A 376 1.12 13.23 -5.12
N PRO A 377 1.53 13.58 -3.89
CA PRO A 377 2.95 13.78 -3.61
C PRO A 377 3.72 12.47 -3.41
N HIS A 378 4.99 12.45 -3.80
CA HIS A 378 5.91 11.46 -3.24
C HIS A 378 6.41 12.03 -1.87
N PRO A 379 7.12 11.25 -1.04
CA PRO A 379 7.52 11.73 0.30
C PRO A 379 8.36 12.99 0.31
N GLY A 380 9.15 13.21 -0.73
CA GLY A 380 9.89 14.47 -0.82
C GLY A 380 8.97 15.66 -0.94
N GLU A 381 7.96 15.50 -1.78
CA GLU A 381 6.99 16.58 -1.99
C GLU A 381 6.09 16.77 -0.75
N MET A 382 5.69 15.68 -0.11
CA MET A 382 4.89 15.75 1.14
C MET A 382 5.71 16.43 2.26
N ALA A 383 6.97 16.05 2.39
CA ALA A 383 7.88 16.71 3.36
C ALA A 383 7.90 18.22 3.22
N ARG A 384 8.06 18.67 1.97
CA ARG A 384 8.09 20.11 1.66
C ARG A 384 6.74 20.73 1.93
N LEU A 385 5.68 20.02 1.59
CA LEU A 385 4.36 20.56 1.78
C LEU A 385 3.99 20.79 3.30
N VAL A 386 4.41 19.92 4.21
CA VAL A 386 4.06 20.10 5.64
C VAL A 386 5.29 20.55 6.46
N LYS A 387 6.37 20.87 5.78
CA LYS A 387 7.60 21.35 6.45
C LYS A 387 8.12 20.39 7.51
N LYS A 388 8.29 19.14 7.09
CA LYS A 388 8.87 18.07 7.90
C LYS A 388 9.95 17.34 7.10
N THR A 389 10.63 16.39 7.75
CA THR A 389 11.65 15.64 7.07
C THR A 389 10.95 14.50 6.32
N VAL A 390 11.62 13.97 5.31
CA VAL A 390 11.15 12.79 4.57
C VAL A 390 10.91 11.63 5.50
N GLY A 391 11.80 11.39 6.44
CA GLY A 391 11.65 10.25 7.38
C GLY A 391 10.47 10.36 8.35
N ASP A 392 10.09 11.58 8.66
CA ASP A 392 8.90 11.85 9.45
C ASP A 392 7.57 11.66 8.65
N VAL A 393 7.59 11.82 7.34
CA VAL A 393 6.34 11.69 6.54
C VAL A 393 6.21 10.33 5.84
N LYS A 394 7.35 9.66 5.61
CA LYS A 394 7.29 8.46 4.84
C LYS A 394 6.48 7.39 5.55
N TYR A 395 5.52 6.81 4.84
CA TYR A 395 4.58 5.78 5.42
C TYR A 395 3.86 6.26 6.70
N ASN A 396 3.82 7.58 6.91
CA ASN A 396 3.14 8.14 8.05
C ASN A 396 1.64 8.31 7.74
N TYR A 397 0.88 7.23 7.88
CA TYR A 397 -0.51 7.26 7.41
C TYR A 397 -1.34 8.15 8.33
N GLU A 398 -0.98 8.27 9.61
CA GLU A 398 -1.74 9.16 10.55
C GLU A 398 -1.60 10.63 10.15
N LEU A 399 -0.39 11.01 9.75
CA LEU A 399 -0.15 12.35 9.22
C LEU A 399 -0.91 12.57 7.94
N ALA A 400 -0.95 11.57 7.06
CA ALA A 400 -1.67 11.71 5.81
C ALA A 400 -3.17 11.92 6.06
N GLU A 401 -3.73 11.11 6.95
CA GLU A 401 -5.12 11.24 7.37
C GLU A 401 -5.42 12.62 7.94
N GLU A 402 -4.57 13.13 8.82
CA GLU A 402 -4.73 14.47 9.43
C GLU A 402 -4.71 15.57 8.36
N PHE A 403 -3.75 15.46 7.43
CA PHE A 403 -3.65 16.42 6.33
C PHE A 403 -4.93 16.43 5.46
N ALA A 404 -5.38 15.23 5.07
CA ALA A 404 -6.56 15.09 4.21
C ALA A 404 -7.79 15.66 4.90
N LYS A 405 -7.97 15.33 6.16
CA LYS A 405 -9.10 15.83 6.94
C LYS A 405 -9.04 17.36 7.10
N GLU A 406 -7.90 17.92 7.47
CA GLU A 406 -7.75 19.36 7.66
C GLU A 406 -7.93 20.17 6.38
N ASN A 407 -7.53 19.60 5.26
CA ASN A 407 -7.55 20.33 4.00
C ASN A 407 -8.69 19.93 3.09
N ASP A 408 -9.57 19.06 3.56
CA ASP A 408 -10.71 18.59 2.78
CA ASP A 408 -10.72 18.52 2.81
C ASP A 408 -10.33 18.01 1.42
N CYS A 409 -9.28 17.21 1.35
CA CYS A 409 -8.85 16.66 0.08
C CYS A 409 -8.65 15.15 0.21
N VAL A 410 -8.31 14.50 -0.91
CA VAL A 410 -7.81 13.14 -0.91
C VAL A 410 -6.30 13.29 -1.08
N LEU A 411 -5.55 12.59 -0.25
CA LEU A 411 -4.13 12.56 -0.34
C LEU A 411 -3.69 11.19 -0.81
N VAL A 412 -2.85 11.16 -1.84
CA VAL A 412 -2.29 9.94 -2.38
C VAL A 412 -0.80 10.06 -2.15
N LEU A 413 -0.28 9.43 -1.11
CA LEU A 413 1.14 9.53 -0.75
C LEU A 413 1.83 8.34 -1.40
N LYS A 414 2.54 8.61 -2.49
CA LYS A 414 3.17 7.56 -3.30
C LYS A 414 4.42 6.94 -2.63
N SER A 415 4.59 5.63 -2.72
CA SER A 415 5.81 4.92 -2.35
C SER A 415 5.55 3.49 -2.81
N ALA A 416 6.45 2.58 -2.45
CA ALA A 416 6.27 1.19 -2.89
C ALA A 416 4.93 0.65 -2.41
N THR A 417 4.52 1.04 -1.21
CA THR A 417 3.15 0.92 -0.76
C THR A 417 2.59 2.32 -0.76
N THR A 418 1.51 2.53 -1.54
CA THR A 418 0.90 3.84 -1.63
C THR A 418 -0.23 3.93 -0.66
N ILE A 419 -0.32 5.08 0.01
CA ILE A 419 -1.40 5.38 0.94
C ILE A 419 -2.42 6.35 0.32
N VAL A 420 -3.70 6.00 0.34
CA VAL A 420 -4.76 6.83 -0.23
C VAL A 420 -5.73 7.09 0.88
N THR A 421 -6.00 8.35 1.16
CA THR A 421 -6.86 8.68 2.30
C THR A 421 -7.64 9.95 2.08
N ASP A 422 -8.87 9.99 2.55
CA ASP A 422 -9.68 11.22 2.64
C ASP A 422 -9.81 11.70 4.09
N GLY A 423 -9.05 11.08 5.03
CA GLY A 423 -9.16 11.45 6.45
C GLY A 423 -10.16 10.58 7.24
N GLU A 424 -11.04 9.85 6.55
CA GLU A 424 -12.00 8.96 7.23
C GLU A 424 -11.72 7.51 6.87
N LYS A 425 -11.44 7.27 5.58
CA LYS A 425 -11.09 5.96 5.03
C LYS A 425 -9.63 6.04 4.53
N THR A 426 -8.84 5.02 4.83
CA THR A 426 -7.45 4.92 4.33
C THR A 426 -7.28 3.58 3.65
N LEU A 427 -6.70 3.60 2.45
CA LEU A 427 -6.49 2.39 1.67
C LEU A 427 -4.99 2.27 1.35
N PHE A 428 -4.51 1.04 1.35
CA PHE A 428 -3.12 0.76 1.07
C PHE A 428 -3.03 0.00 -0.24
N ASN A 429 -2.18 0.50 -1.15
CA ASN A 429 -1.94 -0.19 -2.42
C ASN A 429 -0.61 -0.93 -2.39
N ILE A 430 -0.62 -2.22 -2.76
CA ILE A 430 0.59 -3.01 -2.81
C ILE A 430 0.92 -3.56 -4.22
N THR A 431 0.22 -3.14 -5.26
CA THR A 431 0.62 -3.51 -6.63
C THR A 431 1.81 -2.67 -7.07
N GLY A 432 2.52 -3.16 -8.08
CA GLY A 432 3.66 -2.41 -8.64
C GLY A 432 4.99 -3.12 -8.44
N ASN A 433 6.03 -2.50 -8.97
CA ASN A 433 7.39 -3.01 -8.80
C ASN A 433 8.35 -1.84 -9.00
N THR A 434 9.64 -2.13 -9.01
CA THR A 434 10.67 -1.09 -9.03
C THR A 434 10.79 -0.41 -10.40
N GLY A 435 10.11 -0.94 -11.44
CA GLY A 435 10.11 -0.26 -12.69
C GLY A 435 9.43 1.10 -12.60
N LEU A 436 8.58 1.28 -11.59
CA LEU A 436 7.89 2.55 -11.37
C LEU A 436 8.75 3.59 -10.67
N SER A 437 9.88 3.16 -10.11
CA SER A 437 10.88 4.09 -9.57
C SER A 437 11.74 4.76 -10.68
N LYS A 438 11.10 5.56 -11.51
CA LYS A 438 11.71 6.11 -12.70
C LYS A 438 10.86 7.29 -13.21
N GLY A 439 11.52 8.33 -13.70
CA GLY A 439 10.81 9.54 -14.09
C GLY A 439 9.71 9.25 -15.10
N GLY A 440 8.58 9.87 -14.91
CA GLY A 440 7.47 9.76 -15.87
C GLY A 440 6.35 8.92 -15.29
N SER A 441 6.66 8.07 -14.33
CA SER A 441 5.64 7.15 -13.75
C SER A 441 4.51 7.89 -13.05
N GLY A 442 4.86 8.92 -12.30
CA GLY A 442 3.91 9.72 -11.57
C GLY A 442 3.01 10.55 -12.45
N ASP A 443 3.56 11.00 -13.59
CA ASP A 443 2.84 11.79 -14.55
C ASP A 443 1.68 10.96 -15.13
N VAL A 444 1.96 9.70 -15.43
CA VAL A 444 0.92 8.78 -15.89
C VAL A 444 -0.21 8.64 -14.84
N LEU A 445 0.17 8.42 -13.59
CA LEU A 445 -0.80 8.19 -12.52
C LEU A 445 -1.71 9.42 -12.40
N THR A 446 -1.14 10.62 -12.50
CA THR A 446 -1.94 11.86 -12.42
C THR A 446 -3.11 11.95 -13.47
N GLY A 447 -2.77 11.55 -14.70
CA GLY A 447 -3.74 11.51 -15.75
C GLY A 447 -4.76 10.41 -15.51
N MET A 448 -4.35 9.24 -15.01
CA MET A 448 -5.31 8.18 -14.70
C MET A 448 -6.37 8.67 -13.67
N ILE A 449 -5.93 9.31 -12.60
CA ILE A 449 -6.82 9.80 -11.56
C ILE A 449 -7.82 10.81 -12.13
N ALA A 450 -7.32 11.81 -12.88
CA ALA A 450 -8.20 12.83 -13.47
C ALA A 450 -9.20 12.17 -14.39
N GLY A 451 -8.73 11.19 -15.16
CA GLY A 451 -9.61 10.51 -16.09
C GLY A 451 -10.76 9.77 -15.38
N PHE A 452 -10.47 9.07 -14.30
CA PHE A 452 -11.50 8.37 -13.58
C PHE A 452 -12.46 9.32 -12.90
N ILE A 453 -11.94 10.42 -12.39
CA ILE A 453 -12.85 11.46 -11.90
C ILE A 453 -13.79 11.98 -12.99
N ALA A 454 -13.25 12.27 -14.16
CA ALA A 454 -14.06 12.76 -15.23
C ALA A 454 -15.16 11.74 -15.64
N GLN A 455 -14.86 10.45 -15.45
CA GLN A 455 -15.80 9.38 -15.74
C GLN A 455 -16.89 9.17 -14.67
N GLY A 456 -16.82 9.91 -13.58
CA GLY A 456 -17.86 9.89 -12.60
C GLY A 456 -17.45 9.29 -11.28
N LEU A 457 -16.21 8.83 -11.10
CA LEU A 457 -15.82 8.27 -9.83
C LEU A 457 -15.53 9.45 -8.88
N SER A 458 -15.81 9.26 -7.59
CA SER A 458 -15.45 10.24 -6.58
C SER A 458 -13.91 10.34 -6.55
N PRO A 459 -13.38 11.47 -6.06
CA PRO A 459 -11.91 11.58 -5.92
C PRO A 459 -11.27 10.39 -5.18
N LEU A 460 -11.92 9.88 -4.13
CA LEU A 460 -11.30 8.75 -3.41
C LEU A 460 -11.34 7.47 -4.25
N GLU A 461 -12.48 7.21 -4.88
CA GLU A 461 -12.65 6.01 -5.74
C GLU A 461 -11.67 6.04 -6.91
N ALA A 462 -11.55 7.21 -7.55
CA ALA A 462 -10.69 7.39 -8.71
C ALA A 462 -9.25 7.13 -8.33
N SER A 463 -8.86 7.63 -7.14
CA SER A 463 -7.49 7.42 -6.64
C SER A 463 -7.23 5.94 -6.33
N THR A 464 -8.20 5.29 -5.72
CA THR A 464 -8.09 3.88 -5.34
C THR A 464 -7.88 2.97 -6.58
N VAL A 465 -8.73 3.20 -7.56
CA VAL A 465 -8.71 2.42 -8.79
C VAL A 465 -7.40 2.69 -9.53
N SER A 466 -6.98 3.95 -9.58
CA SER A 466 -5.81 4.36 -10.38
C SER A 466 -4.49 3.81 -9.81
N VAL A 467 -4.32 3.88 -8.49
CA VAL A 467 -3.05 3.39 -7.91
C VAL A 467 -2.92 1.89 -8.12
N TYR A 468 -4.03 1.19 -7.99
CA TYR A 468 -4.00 -0.26 -8.17
C TYR A 468 -3.66 -0.64 -9.61
N LEU A 469 -4.34 -0.04 -10.56
CA LEU A 469 -4.16 -0.33 -11.97
C LEU A 469 -2.81 0.08 -12.47
N HIS A 470 -2.30 1.18 -11.97
CA HIS A 470 -0.98 1.70 -12.38
C HIS A 470 0.11 0.72 -11.94
N GLY A 471 -0.02 0.18 -10.74
CA GLY A 471 0.93 -0.84 -10.25
C GLY A 471 0.76 -2.17 -10.96
N PHE A 472 -0.48 -2.57 -11.17
CA PHE A 472 -0.76 -3.83 -11.87
C PHE A 472 -0.24 -3.80 -13.34
N ALA A 473 -0.39 -2.65 -14.01
CA ALA A 473 0.17 -2.50 -15.35
C ALA A 473 1.71 -2.74 -15.36
N ALA A 474 2.41 -2.16 -14.41
CA ALA A 474 3.84 -2.36 -14.27
C ALA A 474 4.18 -3.83 -14.14
N GLU A 475 3.38 -4.57 -13.39
CA GLU A 475 3.66 -5.97 -13.20
C GLU A 475 3.44 -6.78 -14.45
N LEU A 476 2.68 -6.26 -15.40
CA LEU A 476 2.43 -6.98 -16.64
C LEU A 476 3.54 -6.81 -17.68
N PHE A 477 4.53 -5.98 -17.39
CA PHE A 477 5.63 -5.81 -18.30
C PHE A 477 6.34 -7.16 -18.47
N GLU A 478 6.54 -7.51 -19.72
CA GLU A 478 7.09 -8.78 -20.14
C GLU A 478 8.56 -9.05 -19.79
N GLN A 479 9.40 -8.03 -19.87
CA GLN A 479 10.83 -8.15 -19.64
C GLN A 479 11.24 -7.66 -18.24
N ASP A 480 12.52 -7.49 -17.98
CA ASP A 480 12.94 -7.15 -16.62
C ASP A 480 12.37 -5.78 -16.20
N GLU A 481 11.84 -5.73 -14.97
CA GLU A 481 11.12 -4.53 -14.54
C GLU A 481 12.00 -3.33 -14.57
N ARG A 482 13.32 -3.51 -14.47
CA ARG A 482 14.13 -2.32 -14.42
C ARG A 482 14.13 -1.57 -15.76
N GLY A 483 13.72 -2.24 -16.83
CA GLY A 483 13.67 -1.64 -18.13
C GLY A 483 12.35 -0.98 -18.44
N LEU A 484 11.38 -1.03 -17.52
CA LEU A 484 10.06 -0.45 -17.76
C LEU A 484 10.19 1.05 -17.88
N THR A 485 9.55 1.65 -18.88
CA THR A 485 9.45 3.12 -18.95
C THR A 485 7.97 3.50 -19.00
N ALA A 486 7.71 4.80 -18.77
CA ALA A 486 6.35 5.29 -18.69
C ALA A 486 5.54 5.05 -19.97
N SER A 487 6.20 5.18 -21.13
CA SER A 487 5.58 4.91 -22.41
C SER A 487 5.11 3.43 -22.53
N GLU A 488 5.88 2.49 -21.98
CA GLU A 488 5.46 1.11 -21.99
C GLU A 488 4.34 0.91 -20.98
N LEU A 489 4.39 1.65 -19.88
CA LEU A 489 3.38 1.52 -18.87
C LEU A 489 2.01 1.92 -19.47
N LEU A 490 1.99 2.97 -20.29
CA LEU A 490 0.76 3.39 -20.95
C LEU A 490 0.16 2.28 -21.78
N ARG A 491 1.00 1.59 -22.53
CA ARG A 491 0.54 0.51 -23.44
C ARG A 491 -0.07 -0.62 -22.64
N LEU A 492 0.41 -0.81 -21.41
CA LEU A 492 -0.06 -1.91 -20.57
C LEU A 492 -1.33 -1.65 -19.78
N ILE A 493 -1.74 -0.39 -19.68
CA ILE A 493 -2.93 -0.03 -18.93
C ILE A 493 -4.19 -0.80 -19.41
N PRO A 494 -4.44 -0.87 -20.73
CA PRO A 494 -5.68 -1.55 -21.15
C PRO A 494 -5.67 -3.07 -20.87
N GLU A 495 -4.47 -3.65 -20.80
CA GLU A 495 -4.32 -5.04 -20.45
C GLU A 495 -4.65 -5.27 -18.96
N ALA A 496 -4.14 -4.40 -18.13
CA ALA A 496 -4.49 -4.42 -16.70
C ALA A 496 -5.99 -4.31 -16.49
N ILE A 497 -6.64 -3.42 -17.21
CA ILE A 497 -8.12 -3.28 -17.11
C ILE A 497 -8.79 -4.59 -17.56
N ARG A 498 -8.40 -5.12 -18.72
CA ARG A 498 -8.98 -6.39 -19.16
C ARG A 498 -8.82 -7.48 -18.10
N ARG A 499 -7.62 -7.61 -17.55
CA ARG A 499 -7.36 -8.68 -16.58
C ARG A 499 -8.15 -8.50 -15.29
N LEU A 500 -8.34 -7.26 -14.88
CA LEU A 500 -9.10 -6.93 -13.70
C LEU A 500 -10.53 -7.44 -13.83
N LYS A 501 -11.10 -7.29 -15.02
CA LYS A 501 -12.49 -7.71 -15.28
C LYS A 501 -12.73 -9.21 -15.22
N ALA B 1 -13.23 -21.68 -1.72
CA ALA B 1 -11.75 -21.58 -1.77
C ALA B 1 -11.17 -20.74 -0.60
N ALA B 2 -12.00 -19.98 0.11
CA ALA B 2 -11.47 -18.90 0.95
C ALA B 2 -12.10 -18.82 2.36
N TRP B 3 -12.65 -19.92 2.86
CA TRP B 3 -13.22 -19.85 4.22
C TRP B 3 -12.10 -19.62 5.25
N LEU B 4 -10.98 -20.32 5.09
CA LEU B 4 -9.90 -20.25 6.05
C LEU B 4 -8.89 -19.13 5.75
N PHE B 5 -8.45 -19.01 4.50
CA PHE B 5 -7.35 -18.10 4.16
C PHE B 5 -7.75 -17.04 3.13
N GLU B 6 -7.43 -15.77 3.42
CA GLU B 6 -7.22 -14.72 2.38
C GLU B 6 -5.71 -14.70 2.01
N ALA B 7 -5.45 -14.70 0.69
CA ALA B 7 -4.09 -14.83 0.07
C ALA B 7 -3.18 -13.65 0.39
#